data_3PQH
#
_entry.id   3PQH
#
_cell.length_a   48.080
_cell.length_b   48.080
_cell.length_c   553.203
_cell.angle_alpha   90.00
_cell.angle_beta   90.00
_cell.angle_gamma   120.00
#
_symmetry.space_group_name_H-M   'H 3 2'
#
loop_
_entity.id
_entity.type
_entity.pdbx_description
1 polymer 'gene product 138'
2 non-polymer 'FE (III) ION'
3 non-polymer 'SODIUM ION'
4 water water
#
_entity_poly.entity_id   1
_entity_poly.type   'polypeptide(L)'
_entity_poly.pdbx_seq_one_letter_code
;GSFIPKIATATDSSEEVDSEKVIISNNKQTYASFDPNGNISVYNTQGMKIDMTPNSIVLTDAGGGKLTLQGGTMTYKGGT
VNLNGLTITPDGRMTDSGGIGLHTHTHPVRGVETGGSTVTSDKPNGG
;
_entity_poly.pdbx_strand_id   A,B
#
loop_
_chem_comp.id
_chem_comp.type
_chem_comp.name
_chem_comp.formula
FE non-polymer 'FE (III) ION' 'Fe 3'
NA non-polymer 'SODIUM ION' 'Na 1'
#
# COMPACT_ATOMS: atom_id res chain seq x y z
N GLU A 20 11.48 -6.21 -6.34
CA GLU A 20 10.48 -6.90 -5.53
C GLU A 20 10.44 -6.33 -4.09
N LYS A 21 9.37 -5.59 -3.85
CA LYS A 21 9.10 -4.98 -2.57
CA LYS A 21 9.09 -5.00 -2.57
C LYS A 21 7.61 -4.64 -2.52
N VAL A 22 7.14 -4.29 -1.35
CA VAL A 22 5.82 -3.73 -1.12
C VAL A 22 5.87 -2.23 -1.07
N ILE A 23 4.99 -1.55 -1.79
CA ILE A 23 4.98 -0.12 -1.81
C ILE A 23 3.59 0.38 -1.51
N ILE A 24 3.48 1.32 -0.58
CA ILE A 24 2.22 2.05 -0.37
CA ILE A 24 2.24 2.04 -0.31
C ILE A 24 2.41 3.47 -0.84
N SER A 25 1.52 3.95 -1.68
N SER A 25 1.50 3.94 -1.67
CA SER A 25 1.66 5.31 -2.19
CA SER A 25 1.63 5.29 -2.22
C SER A 25 0.33 6.04 -2.25
C SER A 25 0.33 6.06 -2.32
N ASN A 26 0.33 7.32 -1.88
CA ASN A 26 -0.86 8.16 -2.03
C ASN A 26 -0.63 9.12 -3.14
N ASN A 27 -1.43 8.98 -4.21
CA ASN A 27 -1.41 9.92 -5.32
C ASN A 27 -0.04 10.04 -6.01
N LYS A 28 0.77 8.98 -5.93
CA LYS A 28 2.11 9.01 -6.46
C LYS A 28 2.91 10.22 -5.94
N GLN A 29 2.66 10.61 -4.69
CA GLN A 29 3.36 11.75 -4.07
C GLN A 29 4.05 11.33 -2.79
N THR A 30 3.40 10.51 -1.98
CA THR A 30 3.93 10.05 -0.71
C THR A 30 4.01 8.53 -0.76
N TYR A 31 5.11 7.98 -0.22
CA TYR A 31 5.42 6.57 -0.35
C TYR A 31 5.99 5.95 0.87
N ALA A 32 5.71 4.68 1.09
CA ALA A 32 6.49 3.87 2.00
C ALA A 32 6.75 2.56 1.34
N SER A 33 7.95 2.02 1.46
CA SER A 33 8.25 0.70 0.91
C SER A 33 8.95 -0.21 1.90
N PHE A 34 8.65 -1.50 1.85
CA PHE A 34 9.23 -2.49 2.75
C PHE A 34 9.67 -3.60 1.85
N ASP A 35 10.95 -3.94 1.83
CA ASP A 35 11.38 -5.05 1.00
C ASP A 35 11.61 -6.31 1.82
N PRO A 36 11.96 -7.44 1.15
CA PRO A 36 12.07 -8.68 1.92
C PRO A 36 13.48 -8.94 2.46
N ASN A 37 14.31 -7.89 2.48
CA ASN A 37 15.74 -8.02 2.82
C ASN A 37 16.24 -7.07 3.89
N GLY A 38 15.37 -6.28 4.48
CA GLY A 38 15.78 -5.37 5.53
C GLY A 38 15.73 -3.92 5.14
N ASN A 39 15.26 -3.58 3.94
CA ASN A 39 15.18 -2.19 3.51
C ASN A 39 13.80 -1.61 3.66
N ILE A 40 13.71 -0.46 4.31
CA ILE A 40 12.46 0.27 4.50
C ILE A 40 12.69 1.69 4.08
N SER A 41 11.79 2.29 3.32
CA SER A 41 11.97 3.67 2.86
CA SER A 41 11.97 3.67 2.86
C SER A 41 10.64 4.40 2.97
N VAL A 42 10.66 5.63 3.44
CA VAL A 42 9.53 6.52 3.46
C VAL A 42 9.97 7.74 2.71
N TYR A 43 9.25 8.18 1.70
CA TYR A 43 9.75 9.25 0.86
C TYR A 43 8.66 9.99 0.13
N ASN A 44 8.96 11.14 -0.41
CA ASN A 44 8.04 11.84 -1.26
C ASN A 44 8.69 12.15 -2.62
N THR A 45 7.86 12.58 -3.58
CA THR A 45 8.39 12.83 -4.90
CA THR A 45 8.33 12.86 -4.92
C THR A 45 9.39 13.99 -4.90
N GLN A 46 9.29 14.88 -3.92
CA GLN A 46 10.22 16.01 -3.79
C GLN A 46 11.62 15.55 -3.40
N GLY A 47 11.78 14.31 -2.95
CA GLY A 47 13.09 13.74 -2.65
C GLY A 47 13.50 13.74 -1.20
N MET A 48 12.59 14.14 -0.29
CA MET A 48 12.83 13.95 1.16
C MET A 48 12.74 12.43 1.40
N LYS A 49 13.62 11.85 2.21
CA LYS A 49 13.59 10.39 2.45
CA LYS A 49 13.62 10.41 2.44
C LYS A 49 14.01 10.04 3.86
N ILE A 50 13.41 9.00 4.41
CA ILE A 50 13.85 8.36 5.62
C ILE A 50 14.05 6.89 5.23
N ASP A 51 15.29 6.42 5.25
CA ASP A 51 15.67 5.08 4.83
C ASP A 51 16.26 4.28 5.94
N MET A 52 15.95 3.01 5.94
CA MET A 52 16.58 2.02 6.75
C MET A 52 17.10 0.91 5.84
N THR A 53 18.31 0.48 6.10
CA THR A 53 18.91 -0.63 5.41
C THR A 53 19.38 -1.65 6.45
N PRO A 54 19.99 -2.76 6.02
CA PRO A 54 20.49 -3.74 6.98
C PRO A 54 21.48 -3.11 7.99
N ASN A 55 22.15 -2.04 7.61
CA ASN A 55 23.17 -1.49 8.55
C ASN A 55 23.12 0.03 8.67
N SER A 56 22.06 0.69 8.24
CA SER A 56 22.04 2.19 8.34
C SER A 56 20.63 2.74 8.52
N ILE A 57 20.55 3.95 9.04
CA ILE A 57 19.38 4.79 9.02
C ILE A 57 19.84 6.09 8.40
N VAL A 58 19.16 6.55 7.38
CA VAL A 58 19.55 7.77 6.68
C VAL A 58 18.40 8.71 6.49
N LEU A 59 18.51 9.96 6.90
CA LEU A 59 17.54 11.00 6.63
C LEU A 59 18.09 11.88 5.54
N THR A 60 17.40 11.94 4.40
CA THR A 60 17.86 12.70 3.26
C THR A 60 17.00 13.94 3.09
N ASP A 61 17.64 15.10 3.05
CA ASP A 61 17.02 16.37 2.77
C ASP A 61 17.36 16.74 1.35
N ALA A 62 16.33 16.81 0.51
CA ALA A 62 16.48 17.16 -0.90
C ALA A 62 17.11 18.56 -1.14
N GLY A 63 17.10 19.39 -0.11
CA GLY A 63 17.68 20.73 -0.17
C GLY A 63 19.20 20.69 0.05
N GLY A 64 19.77 19.52 0.31
CA GLY A 64 21.24 19.35 0.39
C GLY A 64 21.76 18.96 1.76
N GLY A 65 21.12 18.04 2.46
CA GLY A 65 21.67 17.58 3.74
C GLY A 65 21.42 16.08 3.88
N LYS A 66 22.21 15.40 4.68
CA LYS A 66 21.97 13.99 4.97
C LYS A 66 22.49 13.68 6.35
N LEU A 67 21.66 13.02 7.16
CA LEU A 67 22.07 12.53 8.46
C LEU A 67 22.10 11.00 8.40
N THR A 68 23.24 10.39 8.71
CA THR A 68 23.44 8.95 8.59
C THR A 68 23.84 8.35 9.92
N LEU A 69 23.16 7.30 10.37
CA LEU A 69 23.61 6.45 11.43
C LEU A 69 24.02 5.11 10.87
N GLN A 70 25.29 4.75 10.94
CA GLN A 70 25.78 3.52 10.31
C GLN A 70 27.10 3.16 10.98
N GLY A 71 27.38 1.88 11.20
CA GLY A 71 28.69 1.49 11.71
C GLY A 71 28.95 2.02 13.11
N GLY A 72 27.92 2.30 13.90
CA GLY A 72 28.13 2.88 15.22
C GLY A 72 28.73 4.28 15.14
N THR A 73 28.40 5.04 14.11
CA THR A 73 28.82 6.43 13.96
C THR A 73 27.60 7.27 13.52
N MET A 74 27.65 8.57 13.70
CA MET A 74 26.61 9.46 13.25
C MET A 74 27.25 10.57 12.46
N THR A 75 26.76 10.82 11.26
CA THR A 75 27.32 11.84 10.37
C THR A 75 26.25 12.75 9.81
N TYR A 76 26.45 14.06 9.86
CA TYR A 76 25.66 15.00 9.08
C TYR A 76 26.59 15.63 8.07
N LYS A 77 26.18 15.64 6.81
N LYS A 77 26.14 15.70 6.82
CA LYS A 77 26.87 16.43 5.82
CA LYS A 77 26.84 16.40 5.75
C LYS A 77 25.88 17.31 5.07
C LYS A 77 25.82 17.32 5.09
N GLY A 78 26.07 18.62 5.12
CA GLY A 78 25.19 19.57 4.50
C GLY A 78 25.57 21.00 4.85
N GLY A 79 24.58 21.85 5.11
CA GLY A 79 24.80 23.25 5.46
C GLY A 79 24.88 23.38 6.96
N THR A 80 24.53 24.57 7.45
CA THR A 80 24.69 24.89 8.87
C THR A 80 24.03 23.89 9.78
N VAL A 81 24.72 23.48 10.83
CA VAL A 81 24.13 22.74 11.92
C VAL A 81 23.97 23.74 13.07
N ASN A 82 22.77 23.84 13.60
CA ASN A 82 22.44 24.75 14.69
C ASN A 82 21.93 23.95 15.87
N LEU A 83 22.66 23.95 17.02
CA LEU A 83 22.30 23.20 18.19
C LEU A 83 22.07 24.22 19.28
N ASN A 84 20.82 24.59 19.53
CA ASN A 84 20.49 25.57 20.55
C ASN A 84 21.23 26.90 20.35
N GLY A 85 21.51 27.28 19.11
CA GLY A 85 22.18 28.56 18.83
C GLY A 85 23.67 28.41 18.60
N LEU A 86 24.28 27.31 19.01
CA LEU A 86 25.68 27.02 18.65
C LEU A 86 25.65 26.57 17.18
N THR A 87 26.61 27.02 16.38
CA THR A 87 26.56 26.71 14.97
CA THR A 87 26.56 26.73 14.97
C THR A 87 27.82 26.06 14.47
N ILE A 88 27.67 25.14 13.52
CA ILE A 88 28.75 24.49 12.80
C ILE A 88 28.54 24.77 11.33
N THR A 89 29.48 25.42 10.67
CA THR A 89 29.34 25.83 9.28
C THR A 89 29.42 24.63 8.36
N PRO A 90 29.07 24.84 7.07
CA PRO A 90 29.27 23.76 6.09
C PRO A 90 30.72 23.27 6.02
N ASP A 91 31.66 24.13 6.47
N ASP A 91 31.71 24.08 6.39
CA ASP A 91 33.07 23.80 6.47
CA ASP A 91 33.07 23.54 6.37
C ASP A 91 33.57 23.16 7.75
C ASP A 91 33.57 23.21 7.76
N GLY A 92 32.68 22.95 8.72
CA GLY A 92 33.07 22.23 9.92
C GLY A 92 33.77 23.08 10.99
N ARG A 93 33.46 24.37 11.00
CA ARG A 93 33.98 25.29 12.05
C ARG A 93 32.85 25.64 12.99
N MET A 94 33.14 25.69 14.29
CA MET A 94 32.14 25.87 15.34
CA MET A 94 32.13 25.88 15.32
C MET A 94 32.23 27.24 16.02
N THR A 95 31.08 27.86 16.25
CA THR A 95 30.98 29.07 17.03
C THR A 95 29.83 28.88 18.02
N ASP A 96 30.01 29.16 19.30
CA ASP A 96 28.91 29.05 20.25
C ASP A 96 27.86 30.15 20.11
N SER A 97 26.78 30.09 20.90
CA SER A 97 25.72 31.04 20.70
C SER A 97 26.08 32.49 21.07
N GLY A 98 27.19 32.66 21.81
CA GLY A 98 27.69 34.01 22.15
C GLY A 98 28.68 34.51 21.13
N GLY A 99 28.97 33.76 20.07
CA GLY A 99 29.93 34.22 19.09
C GLY A 99 31.37 33.79 19.36
N ILE A 100 31.61 32.91 20.35
CA ILE A 100 32.99 32.47 20.60
CA ILE A 100 32.98 32.43 20.64
C ILE A 100 33.32 31.32 19.63
N GLY A 101 34.29 31.54 18.74
CA GLY A 101 34.66 30.56 17.72
C GLY A 101 35.76 29.66 18.26
N LEU A 102 35.67 28.36 18.08
CA LEU A 102 36.76 27.50 18.48
C LEU A 102 38.04 27.91 17.75
N HIS A 103 37.94 28.27 16.49
CA HIS A 103 39.10 28.57 15.66
C HIS A 103 39.49 30.04 15.64
N THR A 104 38.70 30.90 16.28
CA THR A 104 38.98 32.34 16.20
C THR A 104 39.20 32.98 17.59
N HIS A 105 38.85 32.34 18.69
CA HIS A 105 38.82 33.01 19.97
C HIS A 105 40.22 33.39 20.48
N THR A 106 40.23 34.41 21.32
CA THR A 106 41.46 34.84 21.97
C THR A 106 41.21 34.91 23.47
N HIS A 107 42.29 35.03 24.24
CA HIS A 107 42.21 35.16 25.69
C HIS A 107 43.04 36.37 26.17
N PRO A 108 42.50 37.12 27.13
CA PRO A 108 43.42 38.04 27.90
C PRO A 108 44.45 37.20 28.66
N VAL A 109 45.64 37.76 28.81
CA VAL A 109 46.69 37.16 29.65
C VAL A 109 47.19 38.30 30.55
N ARG A 110 46.84 38.22 31.82
CA ARG A 110 47.18 39.28 32.78
C ARG A 110 48.41 38.94 33.59
N GLY A 111 49.00 39.95 34.23
CA GLY A 111 50.10 39.70 35.16
C GLY A 111 51.45 39.47 34.47
N VAL A 112 51.64 40.03 33.30
CA VAL A 112 52.89 39.86 32.56
C VAL A 112 53.63 41.19 32.37
N GLU A 113 54.91 41.09 32.06
N GLU A 113 54.91 41.12 32.04
CA GLU A 113 55.68 42.24 31.60
CA GLU A 113 55.64 42.31 31.62
C GLU A 113 55.57 42.34 30.08
C GLU A 113 55.59 42.36 30.10
N THR A 114 55.29 43.54 29.55
CA THR A 114 55.25 43.69 28.10
C THR A 114 56.64 43.69 27.50
N GLY A 115 56.74 43.31 26.24
CA GLY A 115 57.99 43.27 25.53
C GLY A 115 57.69 42.98 24.07
N GLY A 116 58.67 42.43 23.38
CA GLY A 116 58.52 42.23 21.94
C GLY A 116 58.47 40.77 21.55
N SER A 117 58.49 39.85 22.51
CA SER A 117 58.64 38.43 22.21
C SER A 117 57.30 37.74 22.11
N THR A 118 57.33 36.59 21.43
CA THR A 118 56.16 35.71 21.37
C THR A 118 56.45 34.41 22.07
N VAL A 119 55.48 33.98 22.84
CA VAL A 119 55.47 32.64 23.45
C VAL A 119 54.21 31.91 22.97
N THR A 120 54.18 30.63 23.23
CA THR A 120 52.99 29.82 22.89
C THR A 120 52.41 29.27 24.17
N SER A 121 51.11 29.37 24.33
CA SER A 121 50.45 28.83 25.51
C SER A 121 50.52 27.31 25.52
N ASP A 122 50.21 26.72 26.67
CA ASP A 122 49.94 25.27 26.71
C ASP A 122 48.48 25.01 26.32
N LYS A 123 48.12 23.73 26.22
CA LYS A 123 46.70 23.34 25.96
C LYS A 123 45.84 23.80 27.14
N PRO A 124 44.49 23.76 26.99
CA PRO A 124 43.68 24.27 28.10
C PRO A 124 43.85 23.51 29.40
N ASN A 125 43.71 24.23 30.50
CA ASN A 125 43.56 23.60 31.82
C ASN A 125 42.27 22.72 31.83
N GLY A 126 42.27 21.70 32.65
CA GLY A 126 41.02 20.96 32.91
C GLY A 126 41.35 19.51 32.67
N GLU B 20 -6.49 9.55 -8.43
CA GLU B 20 -5.94 9.84 -7.10
C GLU B 20 -6.49 8.84 -6.06
N LYS B 21 -5.57 8.16 -5.42
CA LYS B 21 -5.95 7.09 -4.52
C LYS B 21 -4.70 6.62 -3.81
N VAL B 22 -4.91 5.86 -2.77
CA VAL B 22 -3.84 5.14 -2.12
C VAL B 22 -3.74 3.71 -2.67
N ILE B 23 -2.56 3.29 -3.07
CA ILE B 23 -2.34 1.95 -3.59
C ILE B 23 -1.27 1.24 -2.80
N ILE B 24 -1.55 0.02 -2.37
CA ILE B 24 -0.52 -0.85 -1.79
CA ILE B 24 -0.59 -0.87 -1.76
C ILE B 24 -0.30 -1.99 -2.75
N SER B 25 0.96 -2.25 -3.09
CA SER B 25 1.24 -3.34 -4.04
CA SER B 25 1.24 -3.33 -4.06
C SER B 25 2.47 -4.12 -3.69
N ASN B 26 2.40 -5.44 -3.84
CA ASN B 26 3.53 -6.34 -3.64
C ASN B 26 4.05 -6.85 -4.97
N ASN B 27 5.27 -6.48 -5.34
CA ASN B 27 5.90 -6.95 -6.58
C ASN B 27 5.08 -6.77 -7.87
N LYS B 28 4.31 -5.69 -7.95
CA LYS B 28 3.43 -5.46 -9.09
C LYS B 28 2.53 -6.66 -9.43
N GLN B 29 2.20 -7.44 -8.42
CA GLN B 29 1.37 -8.64 -8.64
C GLN B 29 0.12 -8.62 -7.79
N THR B 30 0.22 -8.20 -6.52
CA THR B 30 -0.92 -8.15 -5.62
C THR B 30 -1.13 -6.67 -5.20
N TYR B 31 -2.39 -6.23 -5.13
CA TYR B 31 -2.74 -4.82 -4.90
C TYR B 31 -3.96 -4.64 -4.02
N ALA B 32 -3.99 -3.55 -3.26
CA ALA B 32 -5.23 -3.00 -2.72
C ALA B 32 -5.18 -1.50 -2.91
N SER B 33 -6.32 -0.90 -3.28
CA SER B 33 -6.46 0.54 -3.43
C SER B 33 -7.64 1.08 -2.68
N PHE B 34 -7.53 2.30 -2.17
CA PHE B 34 -8.58 2.95 -1.41
C PHE B 34 -8.58 4.37 -1.94
N ASP B 35 -9.68 4.82 -2.51
CA ASP B 35 -9.70 6.17 -3.03
C ASP B 35 -10.46 7.07 -2.07
N PRO B 36 -10.49 8.38 -2.33
CA PRO B 36 -11.10 9.26 -1.34
C PRO B 36 -12.62 9.45 -1.54
N ASN B 37 -13.24 8.58 -2.35
CA ASN B 37 -14.63 8.74 -2.77
C ASN B 37 -15.48 7.50 -2.60
N GLY B 38 -15.00 6.53 -1.84
CA GLY B 38 -15.80 5.35 -1.54
C GLY B 38 -15.45 4.12 -2.35
N ASN B 39 -14.39 4.16 -3.17
CA ASN B 39 -14.02 3.01 -4.01
C ASN B 39 -12.83 2.27 -3.39
N ILE B 40 -12.98 0.95 -3.24
CA ILE B 40 -11.92 0.10 -2.75
C ILE B 40 -11.77 -1.04 -3.69
N SER B 41 -10.56 -1.41 -4.00
CA SER B 41 -10.32 -2.54 -4.87
CA SER B 41 -10.32 -2.54 -4.87
C SER B 41 -9.19 -3.40 -4.30
N VAL B 42 -9.37 -4.69 -4.32
CA VAL B 42 -8.32 -5.66 -3.98
C VAL B 42 -8.19 -6.53 -5.20
N TYR B 43 -7.00 -6.64 -5.76
CA TYR B 43 -6.90 -7.26 -7.08
C TYR B 43 -5.52 -7.77 -7.37
N ASN B 44 -5.40 -8.62 -8.37
CA ASN B 44 -4.08 -9.03 -8.84
C ASN B 44 -3.87 -8.68 -10.30
N THR B 45 -2.62 -8.74 -10.75
CA THR B 45 -2.37 -8.40 -12.15
CA THR B 45 -2.28 -8.44 -12.12
C THR B 45 -3.00 -9.42 -13.10
N GLN B 46 -3.29 -10.62 -12.61
CA GLN B 46 -3.98 -11.65 -13.40
C GLN B 46 -5.46 -11.30 -13.66
N GLY B 47 -6.02 -10.28 -13.03
CA GLY B 47 -7.35 -9.79 -13.32
C GLY B 47 -8.44 -10.25 -12.40
N MET B 48 -8.11 -10.96 -11.32
CA MET B 48 -9.12 -11.29 -10.30
C MET B 48 -9.32 -10.02 -9.47
N LYS B 49 -10.55 -9.70 -9.09
CA LYS B 49 -10.83 -8.44 -8.39
CA LYS B 49 -10.78 -8.46 -8.32
C LYS B 49 -11.93 -8.59 -7.37
N ILE B 50 -11.80 -7.88 -6.26
CA ILE B 50 -12.88 -7.66 -5.30
C ILE B 50 -13.03 -6.16 -5.24
N ASP B 51 -14.14 -5.61 -5.72
CA ASP B 51 -14.35 -4.16 -5.77
C ASP B 51 -15.52 -3.75 -4.92
N MET B 52 -15.36 -2.63 -4.28
CA MET B 52 -16.45 -1.92 -3.67
C MET B 52 -16.55 -0.49 -4.22
N THR B 53 -17.77 -0.06 -4.50
CA THR B 53 -18.03 1.30 -4.93
C THR B 53 -19.12 1.86 -4.00
N PRO B 54 -19.52 3.11 -4.22
CA PRO B 54 -20.62 3.63 -3.36
C PRO B 54 -21.90 2.80 -3.41
N ASN B 55 -22.14 2.06 -4.49
CA ASN B 55 -23.39 1.29 -4.51
C ASN B 55 -23.20 -0.16 -4.89
N SER B 56 -21.99 -0.69 -4.88
CA SER B 56 -21.82 -2.09 -5.31
C SER B 56 -20.69 -2.79 -4.62
N ILE B 57 -20.81 -4.11 -4.58
CA ILE B 57 -19.70 -5.00 -4.29
C ILE B 57 -19.65 -5.96 -5.45
N VAL B 58 -18.49 -6.13 -6.10
CA VAL B 58 -18.33 -6.98 -7.27
C VAL B 58 -17.16 -7.89 -7.09
N LEU B 59 -17.36 -9.18 -7.28
CA LEU B 59 -16.26 -10.17 -7.34
C LEU B 59 -16.08 -10.52 -8.83
N THR B 60 -14.90 -10.20 -9.38
CA THR B 60 -14.60 -10.45 -10.77
C THR B 60 -13.67 -11.62 -10.95
N ASP B 61 -14.12 -12.61 -11.70
CA ASP B 61 -13.31 -13.74 -12.05
C ASP B 61 -12.87 -13.53 -13.50
N ALA B 62 -11.57 -13.27 -13.71
CA ALA B 62 -11.05 -13.01 -15.05
C ALA B 62 -11.19 -14.23 -15.95
N GLY B 63 -11.44 -15.40 -15.39
CA GLY B 63 -11.76 -16.59 -16.20
C GLY B 63 -13.19 -16.66 -16.72
N GLY B 64 -14.01 -15.66 -16.44
CA GLY B 64 -15.30 -15.56 -17.10
C GLY B 64 -16.50 -15.50 -16.20
N GLY B 65 -16.47 -14.86 -15.06
CA GLY B 65 -17.66 -14.74 -14.25
C GLY B 65 -17.62 -13.50 -13.39
N LYS B 66 -18.76 -13.06 -12.94
CA LYS B 66 -18.84 -11.87 -12.11
C LYS B 66 -20.02 -12.00 -11.15
N LEU B 67 -19.79 -11.82 -9.85
CA LEU B 67 -20.88 -11.77 -8.87
C LEU B 67 -21.03 -10.30 -8.40
N THR B 68 -22.21 -9.75 -8.51
CA THR B 68 -22.46 -8.35 -8.20
C THR B 68 -23.55 -8.23 -7.16
N LEU B 69 -23.35 -7.46 -6.09
CA LEU B 69 -24.41 -6.97 -5.21
C LEU B 69 -24.54 -5.51 -5.46
N GLN B 70 -25.71 -5.09 -5.98
CA GLN B 70 -25.91 -3.70 -6.28
C GLN B 70 -27.42 -3.44 -6.38
N GLY B 71 -27.88 -2.27 -5.96
CA GLY B 71 -29.29 -1.93 -6.13
C GLY B 71 -30.19 -2.82 -5.28
N GLY B 72 -29.67 -3.44 -4.22
CA GLY B 72 -30.47 -4.38 -3.46
C GLY B 72 -30.81 -5.64 -4.23
N THR B 73 -29.97 -6.05 -5.16
CA THR B 73 -30.09 -7.29 -5.91
C THR B 73 -28.76 -8.03 -5.93
N MET B 74 -28.77 -9.29 -6.31
CA MET B 74 -27.55 -10.02 -6.41
C MET B 74 -27.59 -10.76 -7.74
N THR B 75 -26.51 -10.62 -8.52
CA THR B 75 -26.44 -11.20 -9.87
C THR B 75 -25.15 -11.95 -10.07
N TYR B 76 -25.21 -13.18 -10.59
CA TYR B 76 -24.04 -13.82 -11.12
C TYR B 76 -24.24 -13.96 -12.61
N LYS B 77 -23.23 -13.59 -13.40
CA LYS B 77 -23.21 -13.80 -14.82
C LYS B 77 -21.92 -14.50 -15.17
N GLY B 78 -22.00 -15.70 -15.70
CA GLY B 78 -20.82 -16.44 -16.01
C GLY B 78 -21.13 -17.86 -16.42
N GLY B 79 -20.34 -18.81 -15.97
CA GLY B 79 -20.51 -20.24 -16.29
C GLY B 79 -21.43 -20.92 -15.31
N THR B 80 -21.34 -22.25 -15.20
CA THR B 80 -22.25 -23.01 -14.33
C THR B 80 -22.15 -22.53 -12.90
N VAL B 81 -23.31 -22.44 -12.26
CA VAL B 81 -23.39 -22.21 -10.86
C VAL B 81 -23.75 -23.55 -10.23
N ASN B 82 -22.99 -23.98 -9.25
CA ASN B 82 -23.20 -25.25 -8.58
C ASN B 82 -23.46 -24.96 -7.12
N LEU B 83 -24.65 -25.29 -6.63
CA LEU B 83 -25.00 -25.07 -5.25
C LEU B 83 -25.27 -26.44 -4.64
N ASN B 84 -24.30 -27.01 -3.93
CA ASN B 84 -24.43 -28.34 -3.35
C ASN B 84 -24.86 -29.41 -4.37
N GLY B 85 -24.45 -29.29 -5.62
CA GLY B 85 -24.75 -30.30 -6.64
C GLY B 85 -25.94 -29.93 -7.52
N LEU B 86 -26.74 -28.97 -7.08
CA LEU B 86 -27.74 -28.40 -7.94
C LEU B 86 -27.00 -27.50 -8.92
N THR B 87 -27.35 -27.54 -10.20
CA THR B 87 -26.65 -26.76 -11.17
C THR B 87 -27.53 -25.82 -11.95
N ILE B 88 -26.98 -24.65 -12.25
CA ILE B 88 -27.63 -23.70 -13.15
C ILE B 88 -26.69 -23.48 -14.29
N THR B 89 -27.14 -23.69 -15.51
CA THR B 89 -26.27 -23.65 -16.68
C THR B 89 -25.87 -22.20 -16.95
N PRO B 90 -24.87 -22.01 -17.83
CA PRO B 90 -24.54 -20.65 -18.27
C PRO B 90 -25.71 -19.89 -18.89
N ASP B 91 -26.69 -20.66 -19.38
N ASP B 91 -26.74 -20.56 -19.36
CA ASP B 91 -27.90 -20.16 -20.05
CA ASP B 91 -27.86 -19.80 -19.91
C ASP B 91 -29.08 -19.90 -19.07
C ASP B 91 -29.12 -19.95 -19.07
N GLY B 92 -28.94 -20.33 -17.82
CA GLY B 92 -29.98 -20.13 -16.84
C GLY B 92 -31.04 -21.21 -16.72
N ARG B 93 -30.64 -22.45 -16.97
CA ARG B 93 -31.53 -23.64 -16.76
C ARG B 93 -31.00 -24.44 -15.59
N MET B 94 -31.93 -24.99 -14.79
N MET B 94 -31.93 -24.90 -14.77
CA MET B 94 -31.62 -25.52 -13.47
CA MET B 94 -31.61 -25.58 -13.54
C MET B 94 -32.03 -27.00 -13.28
C MET B 94 -31.86 -27.08 -13.61
N THR B 95 -31.08 -27.81 -12.84
CA THR B 95 -31.26 -29.22 -12.62
C THR B 95 -30.79 -29.49 -11.21
N ASP B 96 -31.60 -30.16 -10.40
CA ASP B 96 -31.17 -30.52 -9.05
C ASP B 96 -30.08 -31.62 -9.03
N SER B 97 -29.57 -31.92 -7.85
CA SER B 97 -28.49 -32.90 -7.79
C SER B 97 -28.87 -34.33 -8.18
N GLY B 98 -30.17 -34.62 -8.18
CA GLY B 98 -30.66 -35.93 -8.63
C GLY B 98 -30.95 -35.98 -10.12
N GLY B 99 -30.66 -34.91 -10.86
CA GLY B 99 -30.98 -34.90 -12.28
C GLY B 99 -32.38 -34.40 -12.61
N ILE B 100 -33.14 -33.89 -11.66
CA ILE B 100 -34.48 -33.44 -12.01
CA ILE B 100 -34.49 -33.42 -11.96
C ILE B 100 -34.37 -32.01 -12.54
N GLY B 101 -34.70 -31.83 -13.81
CA GLY B 101 -34.62 -30.50 -14.45
C GLY B 101 -35.91 -29.71 -14.34
N LEU B 102 -35.85 -28.45 -13.97
CA LEU B 102 -37.05 -27.63 -13.93
C LEU B 102 -37.75 -27.64 -15.28
N HIS B 103 -36.94 -27.59 -16.36
CA HIS B 103 -37.43 -27.46 -17.74
C HIS B 103 -37.58 -28.78 -18.45
N THR B 104 -37.19 -29.89 -17.81
CA THR B 104 -37.18 -31.22 -18.48
C THR B 104 -38.04 -32.29 -17.78
N HIS B 105 -38.42 -32.08 -16.54
CA HIS B 105 -38.99 -33.20 -15.77
C HIS B 105 -40.39 -33.58 -16.22
N THR B 106 -40.74 -34.81 -15.91
CA THR B 106 -42.07 -35.31 -16.21
C THR B 106 -42.66 -35.92 -14.94
N HIS B 107 -43.97 -36.21 -14.97
CA HIS B 107 -44.66 -36.78 -13.82
C HIS B 107 -45.52 -37.97 -14.27
N PRO B 108 -45.50 -39.06 -13.51
CA PRO B 108 -46.56 -40.09 -13.71
C PRO B 108 -47.90 -39.48 -13.36
N VAL B 109 -48.93 -39.98 -14.04
CA VAL B 109 -50.31 -39.65 -13.67
C VAL B 109 -51.06 -40.98 -13.61
N ARG B 110 -51.36 -41.44 -12.40
CA ARG B 110 -52.02 -42.72 -12.21
C ARG B 110 -53.55 -42.56 -12.31
N GLY B 111 -54.24 -43.64 -12.62
CA GLY B 111 -55.69 -43.64 -12.49
C GLY B 111 -56.45 -42.98 -13.62
N VAL B 112 -55.95 -43.08 -14.85
CA VAL B 112 -56.67 -42.48 -15.97
C VAL B 112 -57.07 -43.58 -16.97
N GLU B 113 -58.08 -43.26 -17.75
N GLU B 113 -57.93 -43.21 -17.91
CA GLU B 113 -58.43 -44.11 -18.85
CA GLU B 113 -58.27 -44.09 -19.04
C GLU B 113 -57.59 -43.60 -20.02
C GLU B 113 -57.42 -43.69 -20.25
N THR B 114 -56.84 -44.48 -20.67
N THR B 114 -56.78 -44.67 -20.88
CA THR B 114 -56.09 -44.05 -21.82
CA THR B 114 -55.99 -44.43 -22.07
C THR B 114 -56.99 -43.72 -23.00
C THR B 114 -56.90 -43.95 -23.20
N GLY B 115 -56.49 -42.92 -23.93
CA GLY B 115 -57.25 -42.46 -25.05
C GLY B 115 -56.39 -41.67 -25.99
N GLY B 116 -57.02 -40.88 -26.84
CA GLY B 116 -56.29 -40.21 -27.88
C GLY B 116 -56.06 -38.73 -27.67
N SER B 117 -56.56 -38.19 -26.55
N SER B 117 -56.61 -38.17 -26.60
CA SER B 117 -56.52 -36.74 -26.33
CA SER B 117 -56.54 -36.72 -26.40
C SER B 117 -55.32 -36.26 -25.52
C SER B 117 -55.36 -36.27 -25.55
N THR B 118 -54.95 -35.02 -25.76
CA THR B 118 -53.92 -34.38 -24.94
C THR B 118 -54.61 -33.37 -24.04
N VAL B 119 -54.37 -33.45 -22.74
CA VAL B 119 -54.85 -32.42 -21.83
CA VAL B 119 -54.86 -32.49 -21.77
C VAL B 119 -53.63 -31.70 -21.25
N THR B 120 -53.85 -30.58 -20.60
CA THR B 120 -52.73 -29.87 -19.99
C THR B 120 -52.98 -29.83 -18.49
N SER B 121 -51.94 -30.10 -17.70
CA SER B 121 -52.08 -30.03 -16.26
C SER B 121 -52.27 -28.59 -15.81
N ASP B 122 -52.69 -28.43 -14.55
CA ASP B 122 -52.60 -27.12 -13.90
C ASP B 122 -51.19 -26.90 -13.30
N LYS B 123 -51.00 -25.72 -12.73
CA LYS B 123 -49.76 -25.39 -12.05
C LYS B 123 -49.60 -26.30 -10.82
N PRO B 124 -48.42 -26.33 -10.21
CA PRO B 124 -48.24 -27.19 -9.05
C PRO B 124 -49.16 -26.88 -7.88
N ASN B 125 -49.55 -27.95 -7.18
CA ASN B 125 -50.19 -27.80 -5.88
C ASN B 125 -49.30 -27.07 -4.91
N GLY B 126 -49.93 -26.20 -4.12
CA GLY B 126 -49.23 -25.35 -3.16
C GLY B 126 -48.57 -26.22 -2.14
FE FE C . 41.74 28.83 23.97
NA NA D . 24.61 32.37 27.04
NA NA E . 28.90 29.90 12.62
NA NA F . 35.83 34.36 18.91
NA NA G . 43.38 35.57 11.20
NA NA H . 31.57 37.18 20.81
FE FE I . -43.94 -30.31 -12.79
NA NA J . -34.65 -24.80 -15.71
NA NA K . -44.25 -21.53 -16.39
#